data_4AAA
#
_entry.id   4AAA
#
_cell.length_a   67.819
_cell.length_b   70.220
_cell.length_c   83.660
_cell.angle_alpha   90.00
_cell.angle_beta   90.00
_cell.angle_gamma   90.00
#
_symmetry.space_group_name_H-M   'P 21 21 21'
#
loop_
_entity.id
_entity.type
_entity.pdbx_description
1 polymer 'CYCLIN-DEPENDENT KINASE-LIKE 2'
2 non-polymer 5-AMINO-3-{[4-(AMINOSULFONYL)PHENYL]AMINO}-N-(2,6-DIFLUOROPHENYL)-1H-1,2,4-TRIAZOLE-1-CARBOTHIOAMIDE
3 non-polymer 1,2-ETHANEDIOL
4 water water
#
_entity_poly.entity_id   1
_entity_poly.type   'polypeptide(L)'
_entity_poly.pdbx_seq_one_letter_code
;MGHHHHHHSSGVDLGTENLYFQSMEKYENLGLVGEGSYGMVMKCRNKDTGRIVAIKKFLESDDDKMVKKIAMREIKLLKQ
LRHENLVNLLEVCKKKKRWYLVFEFVDHTILDDLELFPNGLDYQVVQKYLFQIINGIGFCHSHNIIHRDIKPENILVSQS
GVVKLCDFGFARTLAAPGEVYDDEVATRWYRAPELLVGDVKYGKAVDVWAIGCLVTEMFMGEPLFPGDSDIDQLYHIMMC
LGNLIPRHQELFNKNPVFAGVRLPEIKEREPLERRYPKLSEVVIDLAKKCLHIDPDKRPFCAELLHHDFFQMDGFAERFS
QELQLKVQKDA
;
_entity_poly.pdbx_strand_id   A
#
loop_
_chem_comp.id
_chem_comp.type
_chem_comp.name
_chem_comp.formula
DKI non-polymer 5-AMINO-3-{[4-(AMINOSULFONYL)PHENYL]AMINO}-N-(2,6-DIFLUOROPHENYL)-1H-1,2,4-TRIAZOLE-1-CARBOTHIOAMIDE 'C15 H13 F2 N7 O2 S2'
EDO non-polymer 1,2-ETHANEDIOL 'C2 H6 O2'
#
# COMPACT_ATOMS: atom_id res chain seq x y z
N LEU A 19 -7.20 -12.66 24.69
CA LEU A 19 -6.04 -11.76 24.39
C LEU A 19 -4.98 -11.91 25.49
N TYR A 20 -4.26 -13.04 25.46
CA TYR A 20 -3.08 -13.20 26.30
C TYR A 20 -2.05 -12.13 25.91
N PHE A 21 -1.54 -11.42 26.89
CA PHE A 21 -0.41 -10.55 26.65
C PHE A 21 0.88 -11.30 26.96
N GLN A 22 1.87 -11.13 26.09
CA GLN A 22 3.17 -11.73 26.29
C GLN A 22 4.12 -10.65 26.79
N SER A 23 5.30 -11.08 27.23
CA SER A 23 6.29 -10.18 27.83
C SER A 23 7.23 -9.60 26.78
N MET A 24 7.58 -8.32 26.97
CA MET A 24 8.56 -7.63 26.13
C MET A 24 9.99 -7.98 26.52
N GLU A 25 10.19 -8.61 27.69
CA GLU A 25 11.53 -8.88 28.24
CA GLU A 25 11.55 -8.80 28.19
C GLU A 25 12.39 -9.79 27.35
N LYS A 26 11.75 -10.62 26.54
CA LYS A 26 12.53 -11.54 25.69
C LYS A 26 13.10 -10.89 24.43
N TYR A 27 12.76 -9.63 24.19
CA TYR A 27 13.18 -8.95 23.00
C TYR A 27 14.36 -8.02 23.23
N GLU A 28 15.29 -8.01 22.30
CA GLU A 28 16.42 -7.07 22.33
C GLU A 28 16.49 -6.22 21.07
N ASN A 29 16.67 -4.91 21.28
CA ASN A 29 16.67 -3.95 20.18
C ASN A 29 17.91 -4.07 19.31
N LEU A 30 17.69 -4.22 18.02
CA LEU A 30 18.73 -4.21 17.02
C LEU A 30 18.84 -2.90 16.23
N GLY A 31 17.77 -2.10 16.16
CA GLY A 31 17.74 -0.93 15.31
C GLY A 31 16.30 -0.45 15.20
N LEU A 32 16.09 0.63 14.47
CA LEU A 32 14.78 1.02 14.05
C LEU A 32 14.60 0.44 12.65
N VAL A 33 13.44 -0.14 12.45
CA VAL A 33 13.06 -0.47 11.07
C VAL A 33 13.08 0.75 10.10
N GLY A 34 13.90 0.70 9.06
CA GLY A 34 14.06 1.86 8.16
C GLY A 34 14.86 3.06 8.67
N GLU A 35 15.59 2.89 9.78
CA GLU A 35 16.54 3.91 10.24
C GLU A 35 15.88 5.28 10.41
N GLY A 36 14.66 5.25 10.95
CA GLY A 36 13.87 6.44 11.24
C GLY A 36 12.75 6.75 10.29
N SER A 37 12.80 6.21 9.07
CA SER A 37 11.84 6.62 8.08
C SER A 37 10.43 6.11 8.43
N TYR A 38 10.30 5.17 9.38
CA TYR A 38 9.01 4.72 9.86
C TYR A 38 8.67 5.16 11.28
N GLY A 39 9.46 6.05 11.85
CA GLY A 39 9.28 6.37 13.26
C GLY A 39 9.73 5.25 14.21
N MET A 40 9.10 5.17 15.37
CA MET A 40 9.52 4.28 16.46
CA MET A 40 9.52 4.27 16.45
C MET A 40 8.97 2.85 16.26
N VAL A 41 9.49 2.19 15.23
CA VAL A 41 9.19 0.78 14.97
C VAL A 41 10.54 0.10 15.15
N MET A 42 10.56 -0.73 16.17
CA MET A 42 11.80 -1.36 16.67
CA MET A 42 11.78 -1.38 16.72
C MET A 42 12.01 -2.71 15.99
N LYS A 43 13.20 -2.91 15.49
CA LYS A 43 13.61 -4.24 14.97
C LYS A 43 14.23 -4.92 16.16
N CYS A 44 13.72 -6.10 16.54
CA CYS A 44 14.15 -6.78 17.72
C CYS A 44 14.41 -8.25 17.42
N ARG A 45 15.30 -8.80 18.26
CA ARG A 45 15.55 -10.27 18.23
C ARG A 45 14.92 -10.88 19.46
N ASN A 46 14.22 -11.99 19.28
CA ASN A 46 13.73 -12.82 20.35
C ASN A 46 14.87 -13.64 20.95
N LYS A 47 15.21 -13.35 22.20
CA LYS A 47 16.39 -13.94 22.87
C LYS A 47 16.28 -15.44 23.03
N ASP A 48 15.05 -15.96 23.00
CA ASP A 48 14.84 -17.41 23.14
C ASP A 48 14.96 -18.19 21.83
N THR A 49 14.44 -17.65 20.74
CA THR A 49 14.33 -18.36 19.46
C THR A 49 15.26 -17.86 18.38
N GLY A 50 15.81 -16.65 18.59
CA GLY A 50 16.61 -15.94 17.60
C GLY A 50 15.84 -15.28 16.48
N ARG A 51 14.54 -15.46 16.44
CA ARG A 51 13.80 -14.87 15.33
CA ARG A 51 13.64 -14.89 15.44
C ARG A 51 13.61 -13.37 15.52
N ILE A 52 13.44 -12.72 14.38
CA ILE A 52 13.47 -11.26 14.23
C ILE A 52 12.06 -10.75 14.06
N VAL A 53 11.73 -9.66 14.77
CA VAL A 53 10.36 -9.09 14.76
C VAL A 53 10.42 -7.55 14.57
N ALA A 54 9.30 -6.99 14.17
CA ALA A 54 9.06 -5.54 14.19
C ALA A 54 8.02 -5.26 15.27
N ILE A 55 8.31 -4.28 16.14
CA ILE A 55 7.47 -3.97 17.29
C ILE A 55 7.04 -2.49 17.18
N LYS A 56 5.74 -2.24 17.33
CA LYS A 56 5.21 -0.87 17.23
C LYS A 56 4.22 -0.67 18.38
N LYS A 57 4.29 0.49 19.04
CA LYS A 57 3.32 0.79 20.10
C LYS A 57 1.96 0.95 19.49
N PHE A 58 0.96 0.39 20.16
CA PHE A 58 -0.41 0.31 19.64
C PHE A 58 -1.40 1.12 20.51
N LEU A 59 -1.28 0.97 21.82
CA LEU A 59 -2.14 1.66 22.77
C LEU A 59 -1.26 2.34 23.82
N GLU A 60 -1.54 3.61 24.10
CA GLU A 60 -0.80 4.39 25.12
C GLU A 60 -1.23 3.98 26.54
N SER A 61 -2.53 3.90 26.77
CA SER A 61 -3.01 3.46 28.08
C SER A 61 -4.26 2.64 27.97
N ASP A 62 -4.28 1.51 28.70
CA ASP A 62 -5.47 0.66 28.81
C ASP A 62 -6.40 1.07 29.96
N ASP A 63 -6.09 2.18 30.64
CA ASP A 63 -7.02 2.84 31.57
C ASP A 63 -8.23 3.42 30.83
N ASP A 64 -7.97 4.00 29.66
CA ASP A 64 -9.02 4.54 28.80
C ASP A 64 -9.86 3.39 28.21
N LYS A 65 -11.00 3.08 28.86
CA LYS A 65 -11.82 1.93 28.47
C LYS A 65 -12.43 2.07 27.07
N MET A 66 -12.68 3.31 26.65
CA MET A 66 -13.20 3.62 25.31
C MET A 66 -12.24 3.16 24.20
N VAL A 67 -11.02 3.70 24.19
CA VAL A 67 -10.04 3.31 23.15
C VAL A 67 -9.55 1.87 23.34
N LYS A 68 -9.49 1.39 24.58
CA LYS A 68 -9.21 -0.02 24.86
C LYS A 68 -10.12 -0.94 24.05
N LYS A 69 -11.43 -0.73 24.13
CA LYS A 69 -12.37 -1.58 23.39
C LYS A 69 -12.10 -1.54 21.88
N ILE A 70 -11.74 -0.36 21.36
CA ILE A 70 -11.48 -0.16 19.92
C ILE A 70 -10.20 -0.94 19.56
N ALA A 71 -9.16 -0.78 20.40
CA ALA A 71 -7.91 -1.50 20.17
C ALA A 71 -8.12 -3.03 20.17
N MET A 72 -8.95 -3.53 21.08
CA MET A 72 -9.16 -4.98 21.16
C MET A 72 -9.93 -5.47 19.93
N ARG A 73 -10.85 -4.63 19.44
CA ARG A 73 -11.58 -4.90 18.18
CA ARG A 73 -11.57 -4.95 18.20
C ARG A 73 -10.61 -5.05 17.03
N GLU A 74 -9.63 -4.16 16.96
CA GLU A 74 -8.66 -4.17 15.87
CA GLU A 74 -8.68 -4.17 15.85
C GLU A 74 -7.74 -5.38 15.95
N ILE A 75 -7.33 -5.71 17.17
CA ILE A 75 -6.48 -6.90 17.38
C ILE A 75 -7.22 -8.16 16.94
N LYS A 76 -8.48 -8.27 17.33
CA LYS A 76 -9.29 -9.40 16.87
C LYS A 76 -9.33 -9.50 15.35
N LEU A 77 -9.51 -8.37 14.66
CA LEU A 77 -9.47 -8.39 13.22
C LEU A 77 -8.10 -8.89 12.71
N LEU A 78 -7.01 -8.38 13.30
CA LEU A 78 -5.67 -8.76 12.83
C LEU A 78 -5.41 -10.25 12.99
N LYS A 79 -5.93 -10.82 14.08
CA LYS A 79 -5.77 -12.25 14.32
CA LYS A 79 -5.78 -12.25 14.33
C LYS A 79 -6.51 -13.09 13.28
N GLN A 80 -7.64 -12.60 12.78
CA GLN A 80 -8.45 -13.36 11.83
C GLN A 80 -8.02 -13.16 10.39
N LEU A 81 -7.43 -12.02 10.09
CA LEU A 81 -7.13 -11.64 8.72
C LEU A 81 -5.76 -12.20 8.31
N ARG A 82 -5.71 -13.48 8.03
CA ARG A 82 -4.47 -14.22 7.80
C ARG A 82 -4.41 -14.59 6.33
N HIS A 83 -3.30 -14.26 5.66
CA HIS A 83 -3.11 -14.56 4.27
C HIS A 83 -1.61 -14.56 3.99
N GLU A 84 -1.22 -15.29 2.96
CA GLU A 84 0.21 -15.39 2.57
CA GLU A 84 0.17 -15.41 2.55
C GLU A 84 0.82 -14.06 2.19
N ASN A 85 -0.02 -13.11 1.74
CA ASN A 85 0.47 -11.77 1.35
C ASN A 85 0.18 -10.66 2.33
N LEU A 86 -0.13 -11.03 3.57
CA LEU A 86 -0.20 -10.11 4.68
C LEU A 86 0.83 -10.35 5.73
N VAL A 87 1.39 -9.28 6.27
CA VAL A 87 2.32 -9.41 7.40
C VAL A 87 1.67 -10.13 8.57
N ASN A 88 2.43 -11.01 9.17
CA ASN A 88 1.94 -11.85 10.27
C ASN A 88 2.05 -11.16 11.65
N LEU A 89 0.91 -10.92 12.30
CA LEU A 89 0.89 -10.56 13.70
C LEU A 89 1.20 -11.78 14.57
N LEU A 90 2.28 -11.68 15.34
CA LEU A 90 2.72 -12.79 16.19
C LEU A 90 2.12 -12.73 17.60
N GLU A 91 2.16 -11.58 18.22
CA GLU A 91 1.69 -11.42 19.59
C GLU A 91 1.44 -9.99 19.95
N VAL A 92 0.74 -9.83 21.09
CA VAL A 92 0.49 -8.54 21.66
C VAL A 92 1.17 -8.57 23.00
N CYS A 93 1.97 -7.54 23.26
CA CYS A 93 2.66 -7.43 24.54
C CYS A 93 2.17 -6.22 25.29
N LYS A 94 2.30 -6.30 26.61
CA LYS A 94 1.89 -5.26 27.51
C LYS A 94 3.08 -4.98 28.41
N LYS A 95 3.45 -3.71 28.48
CA LYS A 95 4.48 -3.24 29.38
C LYS A 95 3.86 -2.06 30.12
N LYS A 96 3.73 -2.20 31.43
CA LYS A 96 3.00 -1.24 32.24
C LYS A 96 1.58 -1.11 31.68
N LYS A 97 1.18 0.08 31.19
CA LYS A 97 -0.18 0.27 30.67
C LYS A 97 -0.25 0.26 29.16
N ARG A 98 0.92 0.17 28.50
CA ARG A 98 1.00 0.29 27.02
C ARG A 98 0.96 -1.08 26.39
N TRP A 99 0.31 -1.14 25.22
CA TRP A 99 0.27 -2.33 24.40
C TRP A 99 1.09 -2.11 23.18
N TYR A 100 1.74 -3.20 22.78
CA TYR A 100 2.62 -3.24 21.61
C TYR A 100 2.21 -4.41 20.74
N LEU A 101 2.28 -4.21 19.44
CA LEU A 101 2.05 -5.29 18.47
C LEU A 101 3.42 -5.76 17.95
N VAL A 102 3.57 -7.07 17.86
CA VAL A 102 4.79 -7.71 17.41
C VAL A 102 4.50 -8.45 16.13
N PHE A 103 5.13 -8.06 15.04
CA PHE A 103 4.96 -8.65 13.74
C PHE A 103 6.22 -9.39 13.33
N GLU A 104 6.08 -10.42 12.49
CA GLU A 104 7.20 -11.09 11.84
CA GLU A 104 7.25 -11.08 11.92
C GLU A 104 8.00 -10.05 11.08
N PHE A 105 9.34 -10.01 11.21
CA PHE A 105 10.12 -9.10 10.43
C PHE A 105 10.30 -9.67 9.05
N VAL A 106 10.12 -8.82 8.03
CA VAL A 106 10.22 -9.22 6.63
C VAL A 106 11.50 -8.57 6.12
N ASP A 107 12.26 -9.31 5.32
CA ASP A 107 13.63 -8.83 5.11
CA ASP A 107 13.58 -8.94 4.89
C ASP A 107 13.79 -7.50 4.32
N HIS A 108 12.97 -7.20 3.35
CA HIS A 108 13.11 -5.93 2.62
CA HIS A 108 13.16 -6.07 2.44
C HIS A 108 11.82 -5.40 2.11
N THR A 109 11.87 -4.29 1.34
CA THR A 109 10.70 -3.71 0.70
C THR A 109 10.98 -3.54 -0.77
N ILE A 110 9.96 -3.20 -1.56
CA ILE A 110 10.18 -3.02 -2.99
C ILE A 110 11.10 -1.83 -3.24
N LEU A 111 11.22 -0.91 -2.29
CA LEU A 111 12.16 0.21 -2.47
C LEU A 111 13.61 -0.24 -2.47
N ASP A 112 13.91 -1.33 -1.76
CA ASP A 112 15.23 -1.93 -1.77
C ASP A 112 15.58 -2.44 -3.18
N ASP A 113 14.61 -3.06 -3.85
CA ASP A 113 14.83 -3.53 -5.24
C ASP A 113 15.11 -2.34 -6.12
N LEU A 114 14.35 -1.30 -5.92
CA LEU A 114 14.50 -0.10 -6.75
C LEU A 114 15.78 0.70 -6.44
N GLU A 115 16.38 0.51 -5.30
CA GLU A 115 17.68 1.11 -4.99
C GLU A 115 18.76 0.40 -5.80
N LEU A 116 18.68 -0.91 -5.91
CA LEU A 116 19.63 -1.66 -6.76
C LEU A 116 19.42 -1.34 -8.25
N PHE A 117 18.16 -1.19 -8.65
CA PHE A 117 17.78 -0.99 -10.05
C PHE A 117 17.01 0.32 -10.21
N PRO A 118 17.72 1.46 -10.18
CA PRO A 118 17.00 2.72 -10.08
C PRO A 118 16.29 3.14 -11.34
N ASN A 119 16.56 2.48 -12.47
CA ASN A 119 15.80 2.74 -13.67
C ASN A 119 14.70 1.76 -13.96
N GLY A 120 14.37 0.90 -13.00
CA GLY A 120 13.25 -0.01 -13.16
C GLY A 120 13.61 -1.45 -12.97
N LEU A 121 12.61 -2.25 -12.68
CA LEU A 121 12.80 -3.64 -12.38
C LEU A 121 12.53 -4.49 -13.61
N ASP A 122 13.00 -5.72 -13.54
CA ASP A 122 12.77 -6.74 -14.56
C ASP A 122 11.26 -7.03 -14.77
N TYR A 123 10.86 -7.21 -16.01
CA TYR A 123 9.44 -7.35 -16.38
C TYR A 123 8.80 -8.46 -15.56
N GLN A 124 9.47 -9.62 -15.46
CA GLN A 124 8.89 -10.72 -14.74
C GLN A 124 8.86 -10.50 -13.21
N VAL A 125 9.86 -9.80 -12.69
CA VAL A 125 9.84 -9.36 -11.28
C VAL A 125 8.59 -8.50 -11.02
N VAL A 126 8.32 -7.56 -11.91
CA VAL A 126 7.11 -6.71 -11.78
C VAL A 126 5.83 -7.57 -11.83
N GLN A 127 5.78 -8.51 -12.75
CA GLN A 127 4.64 -9.39 -12.83
C GLN A 127 4.45 -10.12 -11.51
N LYS A 128 5.52 -10.66 -10.95
CA LYS A 128 5.41 -11.43 -9.73
C LYS A 128 5.01 -10.57 -8.52
N TYR A 129 5.56 -9.38 -8.45
CA TYR A 129 5.20 -8.50 -7.32
C TYR A 129 3.76 -8.00 -7.45
N LEU A 130 3.38 -7.50 -8.62
CA LEU A 130 1.99 -7.00 -8.78
C LEU A 130 0.96 -8.11 -8.61
N PHE A 131 1.27 -9.32 -9.11
CA PHE A 131 0.35 -10.48 -8.89
C PHE A 131 0.05 -10.69 -7.39
N GLN A 132 1.10 -10.65 -6.59
CA GLN A 132 0.98 -10.88 -5.16
C GLN A 132 0.34 -9.73 -4.42
N ILE A 133 0.64 -8.49 -4.82
CA ILE A 133 -0.02 -7.32 -4.25
C ILE A 133 -1.54 -7.43 -4.47
N ILE A 134 -1.90 -7.74 -5.72
CA ILE A 134 -3.32 -7.91 -6.12
C ILE A 134 -3.98 -9.03 -5.34
N ASN A 135 -3.29 -10.17 -5.14
CA ASN A 135 -3.84 -11.26 -4.37
C ASN A 135 -4.10 -10.82 -2.94
N GLY A 136 -3.12 -10.15 -2.33
CA GLY A 136 -3.30 -9.67 -0.96
C GLY A 136 -4.42 -8.66 -0.78
N ILE A 137 -4.44 -7.64 -1.62
CA ILE A 137 -5.51 -6.65 -1.56
C ILE A 137 -6.89 -7.26 -1.88
N GLY A 138 -6.92 -8.16 -2.86
CA GLY A 138 -8.15 -8.87 -3.23
C GLY A 138 -8.73 -9.68 -2.06
N PHE A 139 -7.86 -10.31 -1.28
CA PHE A 139 -8.30 -11.05 -0.08
C PHE A 139 -8.92 -10.06 0.92
N CYS A 140 -8.25 -8.95 1.21
CA CYS A 140 -8.78 -7.91 2.07
C CYS A 140 -10.15 -7.44 1.57
N HIS A 141 -10.20 -7.12 0.30
CA HIS A 141 -11.47 -6.61 -0.27
C HIS A 141 -12.59 -7.61 -0.13
N SER A 142 -12.25 -8.89 -0.21
CA SER A 142 -13.27 -9.97 -0.08
C SER A 142 -13.91 -9.98 1.30
N HIS A 143 -13.20 -9.42 2.27
CA HIS A 143 -13.62 -9.24 3.65
C HIS A 143 -14.02 -7.81 3.97
N ASN A 144 -14.24 -6.99 2.94
CA ASN A 144 -14.64 -5.59 3.13
C ASN A 144 -13.63 -4.74 3.90
N ILE A 145 -12.35 -5.06 3.70
CA ILE A 145 -11.23 -4.32 4.29
CA ILE A 145 -11.21 -4.33 4.29
C ILE A 145 -10.48 -3.58 3.19
N ILE A 146 -10.41 -2.25 3.32
CA ILE A 146 -9.69 -1.37 2.36
C ILE A 146 -8.34 -1.07 3.02
N HIS A 147 -7.28 -1.02 2.24
CA HIS A 147 -5.97 -0.65 2.84
C HIS A 147 -5.92 0.86 3.07
N ARG A 148 -6.15 1.59 2.00
CA ARG A 148 -6.32 3.08 1.94
C ARG A 148 -5.02 3.84 1.90
N ASP A 149 -3.92 3.17 2.22
CA ASP A 149 -2.60 3.82 2.28
CA ASP A 149 -2.61 3.85 2.21
C ASP A 149 -1.46 3.04 1.61
N ILE A 150 -1.75 2.35 0.50
CA ILE A 150 -0.74 1.58 -0.18
C ILE A 150 0.37 2.49 -0.68
N LYS A 151 1.61 2.10 -0.45
CA LYS A 151 2.76 2.80 -1.03
C LYS A 151 3.95 1.87 -0.99
N PRO A 152 4.98 2.18 -1.75
CA PRO A 152 6.13 1.25 -1.84
C PRO A 152 6.74 0.90 -0.48
N GLU A 153 6.78 1.86 0.45
CA GLU A 153 7.36 1.59 1.76
C GLU A 153 6.57 0.60 2.59
N ASN A 154 5.32 0.30 2.24
CA ASN A 154 4.60 -0.76 2.98
C ASN A 154 4.39 -2.04 2.17
N ILE A 155 5.12 -2.18 1.08
CA ILE A 155 5.07 -3.39 0.27
C ILE A 155 6.38 -4.12 0.63
N LEU A 156 6.27 -5.00 1.64
CA LEU A 156 7.42 -5.74 2.10
C LEU A 156 7.65 -6.99 1.22
N VAL A 157 8.87 -7.47 1.20
CA VAL A 157 9.26 -8.63 0.35
C VAL A 157 10.18 -9.54 1.17
N SER A 158 9.76 -10.79 1.33
CA SER A 158 10.58 -11.74 2.10
C SER A 158 11.87 -12.18 1.39
N GLN A 159 12.75 -12.89 2.10
CA GLN A 159 13.96 -13.46 1.50
C GLN A 159 13.58 -14.28 0.24
N SER A 160 12.45 -15.00 0.27
CA SER A 160 12.07 -15.82 -0.87
C SER A 160 11.22 -15.15 -1.95
N GLY A 161 11.00 -13.83 -1.82
CA GLY A 161 10.29 -13.05 -2.82
C GLY A 161 8.82 -12.97 -2.60
N VAL A 162 8.31 -13.40 -1.45
CA VAL A 162 6.89 -13.27 -1.14
C VAL A 162 6.56 -11.86 -0.63
N VAL A 163 5.60 -11.21 -1.28
CA VAL A 163 5.12 -9.88 -0.86
C VAL A 163 4.31 -10.01 0.39
N LYS A 164 4.53 -9.10 1.35
CA LYS A 164 3.76 -9.01 2.61
C LYS A 164 3.27 -7.56 2.76
N LEU A 165 1.99 -7.36 2.71
CA LEU A 165 1.40 -6.03 2.89
C LEU A 165 1.23 -5.72 4.34
N CYS A 166 1.30 -4.43 4.67
CA CYS A 166 1.19 -3.98 6.03
C CYS A 166 0.70 -2.54 6.15
N ASP A 167 0.47 -2.11 7.40
CA ASP A 167 0.12 -0.74 7.74
C ASP A 167 -1.20 -0.30 7.13
N PHE A 168 -2.19 -1.19 7.23
CA PHE A 168 -3.56 -0.90 6.78
C PHE A 168 -4.14 0.31 7.49
N GLY A 169 -4.95 1.10 6.78
CA GLY A 169 -5.54 2.32 7.35
C GLY A 169 -6.57 2.12 8.47
N PHE A 170 -6.49 0.99 9.18
CA PHE A 170 -7.31 0.77 10.39
C PHE A 170 -6.51 0.51 11.68
N ALA A 171 -5.17 0.49 11.62
CA ALA A 171 -4.35 0.25 12.82
C ALA A 171 -3.15 1.19 12.89
N GLU A 184 -0.59 15.83 7.40
CA GLU A 184 0.81 15.72 7.85
C GLU A 184 1.74 16.01 6.68
N VAL A 185 2.98 15.53 6.78
CA VAL A 185 3.86 15.40 5.62
C VAL A 185 3.75 13.97 5.00
N ALA A 186 2.63 13.28 5.26
CA ALA A 186 2.41 11.94 4.70
C ALA A 186 2.33 12.05 3.18
N THR A 187 2.89 11.07 2.49
CA THR A 187 3.00 11.11 1.04
C THR A 187 1.62 10.96 0.41
N ARG A 188 1.33 11.83 -0.56
CA ARG A 188 0.05 11.84 -1.26
C ARG A 188 0.14 11.18 -2.61
N TRP A 189 1.33 10.67 -2.96
CA TRP A 189 1.62 10.25 -4.31
C TRP A 189 0.76 9.16 -4.89
N TYR A 190 0.20 8.33 -4.01
CA TYR A 190 -0.60 7.17 -4.40
C TYR A 190 -2.07 7.32 -4.10
N ARG A 191 -2.46 8.51 -3.66
CA ARG A 191 -3.88 8.82 -3.34
C ARG A 191 -4.72 9.15 -4.55
N ALA A 192 -5.88 8.48 -4.60
CA ALA A 192 -6.86 8.68 -5.67
C ALA A 192 -7.51 10.07 -5.56
N PRO A 193 -8.05 10.60 -6.65
CA PRO A 193 -8.74 11.91 -6.61
C PRO A 193 -9.79 12.03 -5.56
N GLU A 194 -10.60 10.99 -5.35
CA GLU A 194 -11.63 11.05 -4.32
C GLU A 194 -11.08 11.27 -2.91
N LEU A 195 -9.90 10.74 -2.60
CA LEU A 195 -9.29 11.01 -1.30
C LEU A 195 -8.82 12.47 -1.22
N LEU A 196 -8.28 12.97 -2.30
CA LEU A 196 -7.65 14.28 -2.34
C LEU A 196 -8.67 15.41 -2.19
N VAL A 197 -9.88 15.17 -2.67
CA VAL A 197 -10.99 16.17 -2.51
C VAL A 197 -11.84 15.88 -1.26
N GLY A 198 -11.54 14.85 -0.47
CA GLY A 198 -12.28 14.54 0.77
C GLY A 198 -13.65 13.91 0.57
N ASP A 199 -13.82 13.16 -0.51
CA ASP A 199 -15.11 12.51 -0.77
C ASP A 199 -15.32 11.39 0.25
N VAL A 200 -16.38 11.50 1.07
CA VAL A 200 -16.73 10.44 2.03
C VAL A 200 -17.18 9.16 1.39
N LYS A 201 -17.54 9.20 0.10
CA LYS A 201 -18.01 8.04 -0.61
C LYS A 201 -16.88 7.21 -1.24
N TYR A 202 -15.68 7.33 -0.72
CA TYR A 202 -14.57 6.53 -1.31
C TYR A 202 -14.78 5.08 -0.93
N GLY A 203 -14.18 4.18 -1.72
CA GLY A 203 -14.22 2.79 -1.34
C GLY A 203 -13.02 2.01 -1.83
N LYS A 204 -13.26 0.75 -2.14
CA LYS A 204 -12.21 -0.18 -2.58
C LYS A 204 -11.42 0.32 -3.78
N ALA A 205 -12.04 1.14 -4.62
CA ALA A 205 -11.38 1.70 -5.79
C ALA A 205 -10.14 2.55 -5.47
N VAL A 206 -10.05 3.07 -4.26
CA VAL A 206 -8.82 3.83 -3.89
C VAL A 206 -7.58 2.94 -3.94
N ASP A 207 -7.74 1.67 -3.56
CA ASP A 207 -6.62 0.74 -3.56
C ASP A 207 -6.22 0.35 -4.99
N VAL A 208 -7.20 0.20 -5.92
CA VAL A 208 -6.90 -0.06 -7.32
C VAL A 208 -6.10 1.11 -7.94
N TRP A 209 -6.49 2.34 -7.59
CA TRP A 209 -5.77 3.52 -8.07
C TRP A 209 -4.31 3.43 -7.62
N ALA A 210 -4.09 3.11 -6.36
CA ALA A 210 -2.70 3.08 -5.82
C ALA A 210 -1.89 1.99 -6.52
N ILE A 211 -2.51 0.83 -6.73
CA ILE A 211 -1.91 -0.22 -7.54
C ILE A 211 -1.49 0.27 -8.95
N GLY A 212 -2.35 1.05 -9.61
CA GLY A 212 -2.00 1.61 -10.89
C GLY A 212 -0.77 2.47 -10.84
N CYS A 213 -0.67 3.26 -9.77
CA CYS A 213 0.55 4.10 -9.58
C CYS A 213 1.81 3.30 -9.48
N LEU A 214 1.71 2.10 -8.91
CA LEU A 214 2.86 1.23 -8.72
C LEU A 214 3.39 0.62 -10.03
N VAL A 215 2.52 0.43 -11.00
CA VAL A 215 2.87 -0.22 -12.26
C VAL A 215 3.99 0.53 -12.98
N THR A 216 3.80 1.83 -13.25
CA THR A 216 4.83 2.58 -13.95
C THR A 216 6.07 2.81 -13.04
N GLU A 217 5.86 2.98 -11.73
CA GLU A 217 6.96 3.23 -10.84
C GLU A 217 7.90 2.02 -10.82
N MET A 218 7.35 0.81 -10.74
CA MET A 218 8.22 -0.38 -10.71
CA MET A 218 8.20 -0.39 -10.75
C MET A 218 8.94 -0.54 -12.05
N PHE A 219 8.30 -0.18 -13.16
CA PHE A 219 8.95 -0.30 -14.47
C PHE A 219 9.94 0.79 -14.77
N MET A 220 9.66 2.00 -14.29
CA MET A 220 10.43 3.17 -14.72
C MET A 220 11.37 3.70 -13.65
N GLY A 221 11.15 3.30 -12.40
CA GLY A 221 12.06 3.74 -11.31
C GLY A 221 11.84 5.18 -10.82
N GLU A 222 10.65 5.72 -11.04
CA GLU A 222 10.31 7.01 -10.52
C GLU A 222 8.80 7.04 -10.22
N PRO A 223 8.39 7.87 -9.26
CA PRO A 223 6.94 7.99 -8.98
C PRO A 223 6.15 8.61 -10.12
N LEU A 224 4.93 8.10 -10.32
CA LEU A 224 4.08 8.63 -11.37
C LEU A 224 3.62 10.08 -11.12
N PHE A 225 3.13 10.34 -9.90
CA PHE A 225 2.54 11.63 -9.54
C PHE A 225 3.10 12.09 -8.21
N PRO A 226 4.29 12.68 -8.23
CA PRO A 226 4.91 13.05 -6.94
C PRO A 226 4.54 14.43 -6.41
N GLY A 227 3.28 14.65 -6.07
CA GLY A 227 2.82 15.92 -5.53
C GLY A 227 3.22 16.20 -4.11
N ASP A 228 3.32 17.47 -3.76
CA ASP A 228 3.76 17.76 -2.38
CA ASP A 228 3.80 17.96 -2.43
C ASP A 228 2.67 18.31 -1.47
N SER A 229 1.44 18.33 -1.97
CA SER A 229 0.24 18.75 -1.21
C SER A 229 -0.98 18.20 -1.93
N ASP A 230 -2.15 18.31 -1.32
CA ASP A 230 -3.39 17.86 -2.00
C ASP A 230 -3.55 18.58 -3.34
N ILE A 231 -3.44 19.90 -3.35
CA ILE A 231 -3.62 20.61 -4.62
C ILE A 231 -2.53 20.25 -5.63
N ASP A 232 -1.27 20.18 -5.21
CA ASP A 232 -0.21 19.84 -6.17
C ASP A 232 -0.42 18.42 -6.75
N GLN A 233 -0.83 17.51 -5.88
CA GLN A 233 -1.12 16.15 -6.30
C GLN A 233 -2.19 16.11 -7.38
N LEU A 234 -3.29 16.86 -7.17
CA LEU A 234 -4.32 16.95 -8.15
C LEU A 234 -3.80 17.53 -9.45
N TYR A 235 -2.95 18.55 -9.38
CA TYR A 235 -2.40 19.09 -10.62
C TYR A 235 -1.60 18.04 -11.41
N HIS A 236 -0.78 17.27 -10.69
CA HIS A 236 0.00 16.21 -11.35
C HIS A 236 -0.90 15.21 -11.99
N ILE A 237 -1.91 14.75 -11.25
CA ILE A 237 -2.88 13.79 -11.84
C ILE A 237 -3.57 14.31 -13.09
N MET A 238 -4.06 15.55 -13.01
CA MET A 238 -4.87 16.13 -14.07
C MET A 238 -4.09 16.46 -15.35
N MET A 239 -2.83 16.82 -15.19
CA MET A 239 -1.94 17.06 -16.31
CA MET A 239 -2.02 17.08 -16.34
C MET A 239 -1.89 15.83 -17.20
N CYS A 240 -1.90 14.64 -16.57
CA CYS A 240 -1.81 13.39 -17.30
C CYS A 240 -3.17 12.88 -17.75
N LEU A 241 -4.15 12.93 -16.84
CA LEU A 241 -5.39 12.19 -17.02
C LEU A 241 -6.61 13.02 -17.37
N GLY A 242 -6.51 14.34 -17.31
CA GLY A 242 -7.61 15.21 -17.71
C GLY A 242 -8.44 15.68 -16.55
N ASN A 243 -9.63 16.20 -16.84
CA ASN A 243 -10.48 16.81 -15.83
C ASN A 243 -11.08 15.70 -14.92
N LEU A 244 -11.42 16.06 -13.68
CA LEU A 244 -12.06 15.16 -12.74
C LEU A 244 -13.52 14.94 -13.12
N ILE A 245 -14.12 13.92 -12.54
CA ILE A 245 -15.58 13.76 -12.66
C ILE A 245 -16.29 14.95 -12.01
N PRO A 246 -17.52 15.25 -12.46
CA PRO A 246 -18.16 16.43 -11.89
C PRO A 246 -18.29 16.42 -10.38
N ARG A 247 -18.61 15.28 -9.78
CA ARG A 247 -18.75 15.17 -8.30
C ARG A 247 -17.50 15.68 -7.59
N HIS A 248 -16.34 15.28 -8.10
CA HIS A 248 -15.09 15.59 -7.42
C HIS A 248 -14.73 17.07 -7.56
N GLN A 249 -14.90 17.60 -8.76
CA GLN A 249 -14.71 19.04 -8.98
C GLN A 249 -15.62 19.89 -8.06
N GLU A 250 -16.87 19.47 -7.93
CA GLU A 250 -17.82 20.12 -7.01
C GLU A 250 -17.35 20.04 -5.54
N LEU A 251 -16.88 18.86 -5.10
CA LEU A 251 -16.36 18.77 -3.74
C LEU A 251 -15.19 19.74 -3.51
N PHE A 252 -14.33 19.85 -4.54
CA PHE A 252 -13.17 20.73 -4.45
C PHE A 252 -13.66 22.17 -4.34
N ASN A 253 -14.57 22.51 -5.23
CA ASN A 253 -15.01 23.93 -5.37
C ASN A 253 -15.84 24.40 -4.17
N LYS A 254 -16.55 23.48 -3.51
CA LYS A 254 -17.36 23.78 -2.31
C LYS A 254 -16.53 23.83 -1.02
N ASN A 255 -15.27 23.40 -1.05
CA ASN A 255 -14.47 23.35 0.18
C ASN A 255 -13.78 24.68 0.50
N PRO A 256 -14.08 25.30 1.66
CA PRO A 256 -13.41 26.56 2.07
C PRO A 256 -11.87 26.51 2.18
N VAL A 257 -11.31 25.32 2.40
CA VAL A 257 -9.86 25.15 2.48
C VAL A 257 -9.19 25.56 1.17
N PHE A 258 -9.91 25.44 0.06
CA PHE A 258 -9.34 25.70 -1.26
C PHE A 258 -9.84 27.02 -1.81
N ALA A 259 -10.26 27.95 -0.91
CA ALA A 259 -10.71 29.24 -1.34
C ALA A 259 -9.51 29.97 -1.90
N GLY A 260 -9.73 30.57 -3.06
CA GLY A 260 -8.67 31.28 -3.77
C GLY A 260 -7.86 30.42 -4.72
N VAL A 261 -8.04 29.10 -4.65
CA VAL A 261 -7.28 28.19 -5.52
C VAL A 261 -8.23 27.45 -6.45
N ARG A 262 -7.77 27.16 -7.66
CA ARG A 262 -8.58 26.37 -8.60
C ARG A 262 -7.76 25.22 -9.14
N LEU A 263 -8.46 24.15 -9.49
CA LEU A 263 -7.87 23.09 -10.26
C LEU A 263 -7.79 23.51 -11.72
N PRO A 264 -6.88 22.91 -12.45
CA PRO A 264 -6.66 23.33 -13.81
C PRO A 264 -7.71 22.83 -14.76
N GLU A 265 -8.09 23.66 -15.73
CA GLU A 265 -8.75 23.19 -16.96
CA GLU A 265 -8.76 23.14 -16.92
C GLU A 265 -7.69 22.50 -17.78
N ILE A 266 -7.96 21.28 -18.25
CA ILE A 266 -7.03 20.57 -19.08
C ILE A 266 -7.62 20.42 -20.48
N LYS A 267 -7.04 21.15 -21.41
CA LYS A 267 -7.41 21.02 -22.81
C LYS A 267 -6.42 20.11 -23.56
N GLU A 268 -5.17 20.06 -23.09
CA GLU A 268 -4.19 19.17 -23.66
C GLU A 268 -3.51 18.39 -22.50
N ARG A 269 -3.81 17.11 -22.41
CA ARG A 269 -3.12 16.29 -21.39
C ARG A 269 -1.87 15.61 -21.93
N GLU A 270 -1.04 15.10 -21.01
CA GLU A 270 0.13 14.33 -21.38
C GLU A 270 -0.14 12.86 -21.04
N PRO A 271 -0.61 12.07 -22.02
CA PRO A 271 -0.97 10.69 -21.71
C PRO A 271 0.22 9.85 -21.32
N LEU A 272 -0.07 8.76 -20.64
CA LEU A 272 0.99 7.88 -20.17
C LEU A 272 1.93 7.42 -21.28
N GLU A 273 1.39 7.15 -22.47
CA GLU A 273 2.23 6.60 -23.54
CA GLU A 273 2.17 6.63 -23.61
C GLU A 273 3.19 7.63 -24.11
N ARG A 274 2.90 8.92 -23.92
CA ARG A 274 3.78 10.01 -24.35
CA ARG A 274 3.80 9.99 -24.36
C ARG A 274 4.87 10.22 -23.31
N ARG A 275 4.50 10.11 -22.04
CA ARG A 275 5.47 10.23 -20.98
C ARG A 275 6.49 9.07 -21.01
N TYR A 276 6.02 7.85 -21.34
CA TYR A 276 6.85 6.65 -21.23
C TYR A 276 6.72 5.88 -22.52
N PRO A 277 7.31 6.42 -23.61
CA PRO A 277 7.09 5.89 -24.96
C PRO A 277 7.70 4.52 -25.22
N LYS A 278 8.56 4.04 -24.34
CA LYS A 278 9.14 2.72 -24.51
C LYS A 278 8.40 1.62 -23.75
N LEU A 279 7.47 1.99 -22.85
CA LEU A 279 6.67 0.94 -22.19
C LEU A 279 5.70 0.27 -23.13
N SER A 280 5.56 -1.05 -23.02
CA SER A 280 4.65 -1.74 -23.91
C SER A 280 3.22 -1.31 -23.70
N GLU A 281 2.45 -1.49 -24.77
CA GLU A 281 1.01 -1.17 -24.80
C GLU A 281 0.26 -1.94 -23.72
N VAL A 282 0.67 -3.18 -23.48
CA VAL A 282 0.00 -4.03 -22.48
C VAL A 282 0.16 -3.43 -21.08
N VAL A 283 1.38 -3.00 -20.75
CA VAL A 283 1.66 -2.37 -19.45
C VAL A 283 0.89 -1.06 -19.30
N ILE A 284 0.97 -0.21 -20.34
CA ILE A 284 0.25 1.07 -20.33
C ILE A 284 -1.25 0.82 -20.11
N ASP A 285 -1.81 -0.18 -20.79
CA ASP A 285 -3.24 -0.47 -20.70
C ASP A 285 -3.64 -0.87 -19.28
N LEU A 286 -2.84 -1.70 -18.66
CA LEU A 286 -3.10 -2.09 -17.25
C LEU A 286 -3.11 -0.86 -16.36
N ALA A 287 -2.09 -0.01 -16.48
CA ALA A 287 -2.05 1.19 -15.65
C ALA A 287 -3.24 2.11 -15.91
N LYS A 288 -3.58 2.33 -17.19
CA LYS A 288 -4.69 3.21 -17.55
C LYS A 288 -6.04 2.72 -16.94
N LYS A 289 -6.24 1.40 -16.92
CA LYS A 289 -7.49 0.84 -16.39
C LYS A 289 -7.58 1.15 -14.87
N CYS A 290 -6.44 0.98 -14.19
CA CYS A 290 -6.40 1.20 -12.74
C CYS A 290 -6.56 2.67 -12.39
N LEU A 291 -6.08 3.54 -13.28
CA LEU A 291 -6.07 4.96 -13.02
C LEU A 291 -7.22 5.68 -13.70
N HIS A 292 -8.35 5.02 -13.85
CA HIS A 292 -9.51 5.76 -14.35
C HIS A 292 -9.85 6.87 -13.42
N ILE A 293 -10.07 8.07 -13.97
CA ILE A 293 -10.42 9.21 -13.15
C ILE A 293 -11.77 9.02 -12.38
N ASP A 294 -12.66 8.18 -12.92
CA ASP A 294 -13.96 7.85 -12.33
C ASP A 294 -13.80 6.53 -11.52
N PRO A 295 -13.86 6.61 -10.18
CA PRO A 295 -13.70 5.38 -9.36
C PRO A 295 -14.61 4.27 -9.77
N ASP A 296 -15.81 4.61 -10.26
CA ASP A 296 -16.75 3.57 -10.65
C ASP A 296 -16.38 2.82 -11.91
N LYS A 297 -15.43 3.34 -12.67
CA LYS A 297 -15.00 2.71 -13.90
C LYS A 297 -13.66 1.97 -13.82
N ARG A 298 -13.06 1.95 -12.63
CA ARG A 298 -11.90 1.14 -12.37
C ARG A 298 -12.34 -0.34 -12.17
N PRO A 299 -11.48 -1.26 -12.56
CA PRO A 299 -11.78 -2.68 -12.30
C PRO A 299 -11.80 -3.00 -10.82
N PHE A 300 -12.41 -4.12 -10.46
CA PHE A 300 -12.24 -4.67 -9.14
C PHE A 300 -10.81 -5.17 -9.07
N CYS A 301 -10.24 -5.17 -7.87
CA CYS A 301 -8.88 -5.63 -7.67
C CYS A 301 -8.67 -7.02 -8.27
N ALA A 302 -9.54 -7.96 -7.94
CA ALA A 302 -9.41 -9.33 -8.43
C ALA A 302 -9.51 -9.46 -9.95
N GLU A 303 -10.23 -8.53 -10.60
CA GLU A 303 -10.34 -8.52 -12.06
C GLU A 303 -9.02 -8.18 -12.71
N LEU A 304 -8.11 -7.54 -11.99
CA LEU A 304 -6.83 -7.18 -12.59
C LEU A 304 -6.03 -8.40 -13.06
N LEU A 305 -6.19 -9.52 -12.37
CA LEU A 305 -5.45 -10.73 -12.70
C LEU A 305 -5.88 -11.32 -14.03
N HIS A 306 -7.05 -10.90 -14.52
CA HIS A 306 -7.54 -11.33 -15.86
C HIS A 306 -6.87 -10.63 -17.00
N HIS A 307 -6.08 -9.60 -16.70
CA HIS A 307 -5.52 -8.72 -17.74
C HIS A 307 -4.46 -9.47 -18.50
N ASP A 308 -4.28 -9.10 -19.77
CA ASP A 308 -3.22 -9.68 -20.63
C ASP A 308 -1.83 -9.61 -19.99
N PHE A 309 -1.56 -8.56 -19.19
CA PHE A 309 -0.22 -8.46 -18.54
C PHE A 309 0.11 -9.72 -17.73
N PHE A 310 -0.89 -10.27 -17.08
CA PHE A 310 -0.71 -11.46 -16.29
C PHE A 310 -1.00 -12.75 -17.05
N GLN A 311 -1.88 -12.68 -18.04
CA GLN A 311 -2.32 -13.92 -18.69
C GLN A 311 -1.45 -14.35 -19.84
N MET A 312 -0.74 -13.42 -20.46
CA MET A 312 0.17 -13.74 -21.57
C MET A 312 1.17 -14.82 -21.22
N ASP A 313 1.31 -15.79 -22.14
CA ASP A 313 2.21 -16.93 -21.98
C ASP A 313 1.91 -17.81 -20.80
N GLY A 314 0.70 -17.71 -20.29
CA GLY A 314 0.31 -18.47 -19.12
C GLY A 314 1.09 -18.11 -17.87
N PHE A 315 1.62 -16.88 -17.77
CA PHE A 315 2.31 -16.46 -16.52
C PHE A 315 1.46 -16.79 -15.30
N ALA A 316 0.19 -16.38 -15.30
CA ALA A 316 -0.63 -16.44 -14.11
C ALA A 316 -0.84 -17.85 -13.55
N GLU A 317 -1.22 -18.78 -14.41
CA GLU A 317 -1.42 -20.19 -14.00
C GLU A 317 -0.12 -20.80 -13.50
N ARG A 318 0.95 -20.62 -14.26
CA ARG A 318 2.28 -21.09 -13.89
C ARG A 318 2.70 -20.52 -12.54
N PHE A 319 2.56 -19.20 -12.37
CA PHE A 319 3.00 -18.60 -11.10
C PHE A 319 2.13 -19.04 -9.92
N SER A 320 0.84 -19.19 -10.15
CA SER A 320 -0.06 -19.62 -9.08
CA SER A 320 -0.03 -19.59 -9.05
C SER A 320 0.36 -20.99 -8.54
N GLN A 321 0.55 -21.92 -9.49
CA GLN A 321 0.95 -23.30 -9.18
CA GLN A 321 0.93 -23.29 -9.16
C GLN A 321 2.29 -23.33 -8.47
N GLU A 322 3.19 -22.43 -8.87
CA GLU A 322 4.47 -22.28 -8.22
C GLU A 322 4.31 -21.91 -6.76
N LEU A 323 3.47 -20.90 -6.47
CA LEU A 323 3.28 -20.40 -5.10
C LEU A 323 2.72 -21.45 -4.13
N GLN A 324 1.82 -22.31 -4.63
CA GLN A 324 1.30 -23.45 -3.86
C GLN A 324 2.39 -24.47 -3.57
N LEU A 325 3.01 -24.97 -4.65
CA LEU A 325 4.05 -26.00 -4.58
C LEU A 325 5.28 -25.54 -3.81
FAF DKI B . 6.02 -1.31 11.24
CAU DKI B . 5.64 -0.69 10.12
CAI DKI B . 4.75 0.42 10.25
CAH DKI B . 4.36 1.06 9.12
CAJ DKI B . 4.75 0.61 7.88
CAV DKI B . 5.62 -0.49 7.83
FAG DKI B . 6.00 -0.86 6.56
CAZ DKI B . 6.02 -1.17 8.92
NAQ DKI B . 6.90 -2.24 8.80
CAS DKI B . 6.67 -3.46 9.27
SAE DKI B . 5.28 -4.07 9.96
NBA DKI B . 7.68 -4.32 8.87
NAP DKI B . 8.74 -3.86 8.10
CAT DKI B . 7.85 -5.70 9.09
NAA DKI B . 7.06 -6.49 9.75
NAO DKI B . 8.98 -6.09 8.49
CAX DKI B . 9.49 -4.96 7.90
NAR DKI B . 10.65 -4.99 7.19
CAW DKI B . 11.38 -4.01 6.59
CAL DKI B . 12.67 -4.31 6.10
CAN DKI B . 13.47 -3.30 5.51
CAK DKI B . 10.91 -2.68 6.50
CAM DKI B . 11.76 -1.70 5.95
CAY DKI B . 12.99 -1.96 5.46
SBB DKI B . 14.00 -0.73 4.77
OAC DKI B . 15.30 -1.20 4.97
OAD DKI B . 13.52 0.50 5.30
NAB DKI B . 13.70 -0.64 3.21
C1 EDO C . 2.22 -2.10 10.44
O1 EDO C . 1.33 -1.23 11.19
C2 EDO C . 1.70 -3.52 10.51
O2 EDO C . 0.61 -3.77 9.61
C1 EDO D . 19.00 -2.14 -0.01
O1 EDO D . 18.46 -0.83 -0.20
C2 EDO D . 20.43 -2.09 0.52
O2 EDO D . 20.83 -0.74 0.78
C1 EDO E . -8.17 15.72 -22.91
O1 EDO E . -8.33 16.17 -21.55
C2 EDO E . -7.14 16.57 -23.65
O2 EDO E . -6.09 15.74 -24.21
C1 EDO F . -14.24 13.37 -16.44
O1 EDO F . -14.15 14.72 -16.92
C2 EDO F . -15.51 12.71 -16.96
O2 EDO F . -16.68 13.43 -16.55
C1 EDO G . 11.56 -3.94 22.92
O1 EDO G . 11.34 -2.70 22.25
C2 EDO G . 11.84 -3.66 24.39
O2 EDO G . 12.47 -4.80 24.97
C1 EDO H . 17.63 -14.68 12.52
O1 EDO H . 18.22 -14.50 11.22
C2 EDO H . 16.29 -15.42 12.64
O2 EDO H . 15.52 -15.59 11.45
#